data_2DOO
#
_entry.id   2DOO
#
_cell.length_a   49.517
_cell.length_b   88.416
_cell.length_c   115.064
_cell.angle_alpha   90.00
_cell.angle_beta   90.00
_cell.angle_gamma   90.00
#
_symmetry.space_group_name_H-M   'P 21 21 21'
#
loop_
_entity.id
_entity.type
_entity.pdbx_description
1 polymer 'BETA-LACTAMASE IMP-1'
2 non-polymer 'ZINC ION'
3 non-polymer N-[4-({[5-(DIMETHYLAMINO)-1-NAPHTHYL]SULFONYL}AMINO)BUTYL]-3-SULFANYLPROPANAMIDE
4 water water
#
_entity_poly.entity_id   1
_entity_poly.type   'polypeptide(L)'
_entity_poly.pdbx_seq_one_letter_code
;AESLPDLKIEKLDEGVYVHTSFEEVNGWGVVPKHGLVVLVNAEAYLIDTPFTAKDTEKLVTWFVERGYKIKGSISSHFHS
DSTGGIEWLNSRSIPTYASELTNELLKKDGKVQATNSFSGVNYWLVKNKIEVFYPGPGHTPDNVVVWLPERKILFGGCFI
KPYGLGNLGDANIEAWPKSAKLLKSKYGKAKLVVPSHSEVGDASLLKLTLEQAVKGLNESKKPSKPSN
;
_entity_poly.pdbx_strand_id   A,B
#
loop_
_chem_comp.id
_chem_comp.type
_chem_comp.name
_chem_comp.formula
C4H non-polymer N-[4-({[5-(DIMETHYLAMINO)-1-NAPHTHYL]SULFONYL}AMINO)BUTYL]-3-SULFANYLPROPANAMIDE 'C19 H27 N3 O3 S2'
ZN non-polymer 'ZINC ION' 'Zn 2'
#
# COMPACT_ATOMS: atom_id res chain seq x y z
N LEU A 4 -11.76 16.62 -13.70
CA LEU A 4 -12.25 16.70 -15.10
C LEU A 4 -12.87 15.37 -15.54
N PRO A 5 -12.26 14.23 -15.17
CA PRO A 5 -12.83 12.94 -15.59
C PRO A 5 -14.28 12.83 -15.14
N ASP A 6 -15.07 12.06 -15.88
CA ASP A 6 -16.49 11.90 -15.55
C ASP A 6 -16.76 10.93 -14.40
N LEU A 7 -17.89 11.15 -13.74
CA LEU A 7 -18.31 10.31 -12.64
C LEU A 7 -18.30 8.85 -13.13
N LYS A 8 -17.84 7.94 -12.27
CA LYS A 8 -17.82 6.54 -12.64
C LYS A 8 -18.66 5.73 -11.67
N ILE A 9 -19.33 4.71 -12.20
CA ILE A 9 -20.15 3.83 -11.39
C ILE A 9 -19.82 2.40 -11.79
N GLU A 10 -19.22 1.67 -10.87
CA GLU A 10 -18.84 0.29 -11.14
C GLU A 10 -19.33 -0.68 -10.07
N LYS A 11 -19.71 -1.87 -10.49
CA LYS A 11 -20.18 -2.87 -9.55
C LYS A 11 -18.97 -3.42 -8.82
N LEU A 12 -19.09 -3.59 -7.50
CA LEU A 12 -18.00 -4.11 -6.69
C LEU A 12 -18.33 -5.52 -6.25
N ASP A 13 -19.58 -5.72 -5.85
CA ASP A 13 -20.05 -7.02 -5.38
C ASP A 13 -21.57 -7.00 -5.56
N GLU A 14 -22.25 -8.06 -5.17
CA GLU A 14 -23.70 -8.10 -5.31
C GLU A 14 -24.37 -7.00 -4.51
N GLY A 15 -25.14 -6.18 -5.20
CA GLY A 15 -25.85 -5.09 -4.55
C GLY A 15 -24.96 -3.97 -4.05
N VAL A 16 -23.72 -3.93 -4.49
CA VAL A 16 -22.80 -2.88 -4.05
C VAL A 16 -22.00 -2.28 -5.20
N TYR A 17 -22.16 -0.97 -5.41
CA TYR A 17 -21.44 -0.27 -6.47
C TYR A 17 -20.49 0.75 -5.87
N VAL A 18 -19.43 1.06 -6.60
CA VAL A 18 -18.48 2.06 -6.15
C VAL A 18 -18.63 3.24 -7.10
N HIS A 19 -18.82 4.45 -6.55
CA HIS A 19 -18.94 5.61 -7.40
C HIS A 19 -17.70 6.47 -7.19
N THR A 20 -17.14 6.95 -8.29
CA THR A 20 -15.94 7.75 -8.23
C THR A 20 -16.12 9.08 -8.93
N SER A 21 -15.88 10.16 -8.19
CA SER A 21 -15.96 11.51 -8.71
C SER A 21 -14.52 12.05 -8.68
N PHE A 22 -14.25 13.16 -9.35
CA PHE A 22 -12.89 13.67 -9.37
C PHE A 22 -12.71 15.14 -9.07
N GLU A 23 -11.54 15.46 -8.54
CA GLU A 23 -11.16 16.82 -8.19
C GLU A 23 -9.68 17.06 -8.48
N GLU A 24 -9.33 18.33 -8.67
CA GLU A 24 -7.95 18.73 -8.93
C GLU A 24 -7.45 19.09 -7.54
N VAL A 25 -6.39 18.43 -7.06
CA VAL A 25 -5.91 18.71 -5.70
C VAL A 25 -4.49 19.17 -5.43
N ASN A 26 -4.33 20.49 -5.50
CA ASN A 26 -3.09 21.20 -5.21
C ASN A 26 -1.85 20.33 -5.04
N GLY A 27 -1.04 20.16 -6.09
CA GLY A 27 0.15 19.36 -5.96
C GLY A 27 -0.08 17.86 -6.09
N TRP A 28 -1.31 17.46 -6.39
CA TRP A 28 -1.62 16.04 -6.55
C TRP A 28 -2.21 15.71 -7.92
N GLY A 29 -2.65 16.75 -8.62
CA GLY A 29 -3.24 16.54 -9.93
C GLY A 29 -4.67 16.09 -9.69
N VAL A 30 -5.23 15.37 -10.66
CA VAL A 30 -6.60 14.90 -10.51
C VAL A 30 -6.63 13.76 -9.51
N VAL A 31 -7.37 13.97 -8.43
CA VAL A 31 -7.53 12.97 -7.39
C VAL A 31 -8.94 12.39 -7.35
N PRO A 32 -9.05 11.06 -7.31
CA PRO A 32 -10.35 10.39 -7.28
C PRO A 32 -10.91 10.28 -5.86
N LYS A 33 -12.25 10.24 -5.77
CA LYS A 33 -12.96 10.09 -4.51
C LYS A 33 -13.97 8.96 -4.68
N HIS A 34 -13.83 7.92 -3.88
CA HIS A 34 -14.72 6.79 -3.98
C HIS A 34 -15.81 6.81 -2.93
N GLY A 35 -16.99 6.36 -3.34
CA GLY A 35 -18.14 6.27 -2.46
C GLY A 35 -18.86 5.00 -2.86
N LEU A 36 -19.90 4.63 -2.15
CA LEU A 36 -20.63 3.43 -2.48
C LEU A 36 -22.11 3.69 -2.66
N VAL A 37 -22.78 2.74 -3.30
CA VAL A 37 -24.21 2.78 -3.48
C VAL A 37 -24.57 1.36 -3.13
N VAL A 38 -25.31 1.19 -2.04
CA VAL A 38 -25.73 -0.11 -1.56
C VAL A 38 -27.18 -0.37 -1.90
N LEU A 39 -27.45 -1.52 -2.50
CA LEU A 39 -28.82 -1.87 -2.88
C LEU A 39 -29.46 -2.80 -1.87
N VAL A 40 -30.59 -2.37 -1.33
CA VAL A 40 -31.35 -3.16 -0.36
C VAL A 40 -32.76 -3.32 -0.92
N ASN A 41 -32.95 -4.36 -1.74
CA ASN A 41 -34.23 -4.67 -2.35
C ASN A 41 -34.94 -3.50 -3.03
N ALA A 42 -34.57 -3.21 -4.27
CA ALA A 42 -35.22 -2.13 -5.02
C ALA A 42 -34.99 -0.73 -4.47
N GLU A 43 -34.25 -0.64 -3.38
CA GLU A 43 -33.95 0.66 -2.78
C GLU A 43 -32.45 0.83 -2.71
N ALA A 44 -31.99 2.04 -2.99
CA ALA A 44 -30.56 2.32 -3.00
C ALA A 44 -30.16 3.27 -1.91
N TYR A 45 -28.97 3.04 -1.36
CA TYR A 45 -28.43 3.89 -0.32
C TYR A 45 -27.07 4.41 -0.74
N LEU A 46 -26.88 5.71 -0.62
CA LEU A 46 -25.63 6.35 -0.96
C LEU A 46 -24.69 6.41 0.24
N ILE A 47 -23.48 5.91 0.04
CA ILE A 47 -22.48 5.95 1.10
C ILE A 47 -21.53 7.02 0.58
N ASP A 48 -21.67 8.23 1.14
CA ASP A 48 -20.88 9.39 0.72
C ASP A 48 -21.39 9.90 -0.62
N THR A 49 -21.34 11.21 -0.81
CA THR A 49 -21.82 11.82 -2.04
C THR A 49 -20.65 12.34 -2.86
N PRO A 50 -20.91 12.69 -4.14
CA PRO A 50 -19.85 13.22 -4.99
C PRO A 50 -19.53 14.66 -4.55
N PHE A 51 -18.48 15.25 -5.08
CA PHE A 51 -18.11 16.61 -4.68
C PHE A 51 -19.18 17.65 -5.03
N THR A 52 -19.79 17.49 -6.19
CA THR A 52 -20.77 18.47 -6.67
C THR A 52 -22.22 18.01 -6.80
N ALA A 53 -23.07 18.99 -7.08
CA ALA A 53 -24.49 18.77 -7.26
C ALA A 53 -24.76 18.06 -8.57
N LYS A 54 -24.06 18.46 -9.63
CA LYS A 54 -24.29 17.83 -10.94
C LYS A 54 -23.90 16.35 -10.91
N ASP A 55 -22.83 16.02 -10.20
CA ASP A 55 -22.42 14.63 -10.12
C ASP A 55 -23.35 13.84 -9.21
N THR A 56 -23.83 14.46 -8.14
CA THR A 56 -24.75 13.77 -7.25
C THR A 56 -26.02 13.47 -8.02
N GLU A 57 -26.39 14.37 -8.92
CA GLU A 57 -27.58 14.19 -9.72
C GLU A 57 -27.37 13.03 -10.70
N LYS A 58 -26.19 13.01 -11.32
CA LYS A 58 -25.85 11.97 -12.28
C LYS A 58 -25.90 10.60 -11.60
N LEU A 59 -25.41 10.55 -10.37
CA LEU A 59 -25.38 9.32 -9.60
C LEU A 59 -26.81 8.86 -9.28
N VAL A 60 -27.62 9.74 -8.73
CA VAL A 60 -29.00 9.41 -8.39
C VAL A 60 -29.80 8.96 -9.61
N THR A 61 -29.59 9.64 -10.73
CA THR A 61 -30.33 9.34 -11.95
C THR A 61 -29.93 7.98 -12.51
N TRP A 62 -28.66 7.61 -12.37
CA TRP A 62 -28.18 6.34 -12.88
C TRP A 62 -28.99 5.22 -12.23
N PHE A 63 -29.24 5.36 -10.93
CA PHE A 63 -29.99 4.35 -10.22
C PHE A 63 -31.50 4.50 -10.37
N VAL A 64 -32.00 5.73 -10.41
CA VAL A 64 -33.43 5.95 -10.58
C VAL A 64 -33.88 5.38 -11.92
N GLU A 65 -33.09 5.63 -12.96
CA GLU A 65 -33.42 5.15 -14.30
C GLU A 65 -33.37 3.62 -14.38
N ARG A 66 -32.99 3.00 -13.26
CA ARG A 66 -32.90 1.55 -13.20
C ARG A 66 -33.91 1.00 -12.19
N GLY A 67 -34.90 1.82 -11.84
CA GLY A 67 -35.94 1.43 -10.92
C GLY A 67 -35.65 1.47 -9.43
N TYR A 68 -34.56 2.12 -9.05
CA TYR A 68 -34.21 2.17 -7.64
C TYR A 68 -34.60 3.48 -6.98
N LYS A 69 -35.21 3.37 -5.82
CA LYS A 69 -35.61 4.55 -5.06
C LYS A 69 -34.43 4.88 -4.14
N ILE A 70 -34.01 6.15 -4.18
CA ILE A 70 -32.90 6.57 -3.34
C ILE A 70 -33.47 6.77 -1.94
N LYS A 71 -33.28 5.77 -1.09
CA LYS A 71 -33.82 5.78 0.26
C LYS A 71 -33.02 6.61 1.25
N GLY A 72 -31.78 6.92 0.92
CA GLY A 72 -30.98 7.72 1.81
C GLY A 72 -29.51 7.72 1.45
N SER A 73 -28.77 8.64 2.05
CA SER A 73 -27.34 8.76 1.84
C SER A 73 -26.75 9.15 3.18
N ILE A 74 -25.57 8.64 3.47
CA ILE A 74 -24.89 8.92 4.71
C ILE A 74 -23.51 9.47 4.36
N SER A 75 -23.06 10.48 5.08
CA SER A 75 -21.74 11.07 4.84
C SER A 75 -20.77 10.62 5.91
N SER A 76 -19.60 10.12 5.48
CA SER A 76 -18.57 9.64 6.39
C SER A 76 -17.90 10.73 7.23
N HIS A 77 -17.85 11.96 6.70
CA HIS A 77 -17.27 13.08 7.44
C HIS A 77 -17.68 14.40 6.80
N PHE A 78 -17.34 15.52 7.43
CA PHE A 78 -17.78 16.82 6.92
C PHE A 78 -17.14 17.44 5.69
N HIS A 79 -15.95 16.99 5.29
CA HIS A 79 -15.33 17.56 4.09
C HIS A 79 -16.28 17.41 2.91
N SER A 80 -16.17 18.33 1.96
CA SER A 80 -17.05 18.32 0.79
C SER A 80 -16.99 17.10 -0.11
N ASP A 81 -15.92 16.32 -0.03
CA ASP A 81 -15.85 15.13 -0.88
C ASP A 81 -16.79 14.03 -0.38
N SER A 82 -17.38 14.24 0.80
CA SER A 82 -18.32 13.28 1.38
C SER A 82 -19.72 13.90 1.48
N THR A 83 -19.76 15.22 1.60
CA THR A 83 -21.00 15.97 1.77
C THR A 83 -21.46 16.87 0.63
N GLY A 84 -20.62 17.02 -0.40
CA GLY A 84 -20.95 17.88 -1.53
C GLY A 84 -22.35 17.81 -2.12
N GLY A 85 -22.97 16.64 -2.06
CA GLY A 85 -24.30 16.49 -2.61
C GLY A 85 -25.46 16.54 -1.63
N ILE A 86 -25.20 16.76 -0.34
CA ILE A 86 -26.29 16.83 0.63
C ILE A 86 -27.34 17.87 0.24
N GLU A 87 -26.89 19.03 -0.24
CA GLU A 87 -27.81 20.08 -0.65
C GLU A 87 -28.78 19.59 -1.72
N TRP A 88 -28.23 19.01 -2.78
CA TRP A 88 -29.06 18.51 -3.87
C TRP A 88 -30.03 17.45 -3.36
N LEU A 89 -29.53 16.47 -2.61
CA LEU A 89 -30.38 15.41 -2.10
C LEU A 89 -31.55 15.94 -1.23
N ASN A 90 -31.27 16.90 -0.35
CA ASN A 90 -32.32 17.47 0.49
C ASN A 90 -33.35 18.19 -0.37
N SER A 91 -32.89 18.88 -1.41
CA SER A 91 -33.80 19.62 -2.27
C SER A 91 -34.80 18.72 -2.97
N ARG A 92 -34.45 17.44 -3.12
CA ARG A 92 -35.31 16.47 -3.78
C ARG A 92 -35.96 15.58 -2.73
N SER A 93 -35.85 16.00 -1.47
CA SER A 93 -36.42 15.27 -0.36
C SER A 93 -35.83 13.88 -0.15
N ILE A 94 -34.57 13.71 -0.52
CA ILE A 94 -33.94 12.41 -0.31
C ILE A 94 -33.28 12.47 1.05
N PRO A 95 -33.69 11.59 1.97
CA PRO A 95 -33.15 11.52 3.34
C PRO A 95 -31.63 11.49 3.40
N THR A 96 -31.04 12.47 4.11
CA THR A 96 -29.60 12.54 4.25
C THR A 96 -29.17 12.32 5.69
N TYR A 97 -28.13 11.52 5.89
CA TYR A 97 -27.63 11.21 7.23
C TYR A 97 -26.18 11.63 7.46
N ALA A 98 -25.90 12.03 8.68
CA ALA A 98 -24.58 12.44 9.09
C ALA A 98 -24.63 12.43 10.61
N SER A 99 -23.49 12.20 11.25
CA SER A 99 -23.46 12.18 12.71
C SER A 99 -23.64 13.60 13.20
N GLU A 100 -23.85 13.75 14.51
CA GLU A 100 -24.02 15.06 15.10
C GLU A 100 -22.74 15.90 14.96
N LEU A 101 -21.58 15.27 15.11
CA LEU A 101 -20.32 15.97 14.98
C LEU A 101 -20.18 16.52 13.56
N THR A 102 -20.46 15.67 12.58
CA THR A 102 -20.37 16.09 11.18
C THR A 102 -21.33 17.26 10.95
N ASN A 103 -22.56 17.12 11.43
CA ASN A 103 -23.53 18.18 11.26
C ASN A 103 -23.12 19.47 11.97
N GLU A 104 -22.44 19.33 13.10
CA GLU A 104 -21.98 20.50 13.83
C GLU A 104 -20.82 21.16 13.07
N LEU A 105 -19.98 20.33 12.45
CA LEU A 105 -18.85 20.87 11.69
C LEU A 105 -19.35 21.46 10.37
N LEU A 106 -20.41 20.86 9.83
CA LEU A 106 -20.98 21.35 8.57
C LEU A 106 -21.55 22.74 8.81
N LYS A 107 -22.17 22.94 9.97
CA LYS A 107 -22.76 24.23 10.31
C LYS A 107 -21.65 25.28 10.44
N LYS A 108 -20.60 24.96 11.18
CA LYS A 108 -19.50 25.91 11.34
C LYS A 108 -18.87 26.26 10.01
N ASP A 109 -18.98 25.36 9.04
CA ASP A 109 -18.44 25.55 7.69
C ASP A 109 -19.46 26.34 6.84
N GLY A 110 -20.58 26.70 7.47
CA GLY A 110 -21.62 27.43 6.77
C GLY A 110 -22.30 26.59 5.70
N LYS A 111 -22.18 25.26 5.81
CA LYS A 111 -22.78 24.33 4.85
C LYS A 111 -24.14 23.79 5.28
N VAL A 112 -24.92 23.34 4.32
CA VAL A 112 -26.23 22.77 4.61
C VAL A 112 -26.01 21.43 5.31
N GLN A 113 -26.77 21.20 6.38
CA GLN A 113 -26.68 19.98 7.19
C GLN A 113 -27.52 18.81 6.73
N ALA A 114 -27.11 17.61 7.12
CA ALA A 114 -27.85 16.40 6.79
C ALA A 114 -29.17 16.51 7.55
N THR A 115 -30.25 16.08 6.91
CA THR A 115 -31.57 16.13 7.51
C THR A 115 -31.66 15.26 8.75
N ASN A 116 -30.90 14.17 8.77
CA ASN A 116 -30.91 13.24 9.88
C ASN A 116 -29.54 13.07 10.49
N SER A 117 -29.48 13.15 11.83
CA SER A 117 -28.22 12.98 12.54
C SER A 117 -28.34 11.79 13.50
N PHE A 118 -27.20 11.18 13.83
CA PHE A 118 -27.15 10.04 14.73
C PHE A 118 -25.92 10.20 15.59
N SER A 119 -25.73 9.30 16.55
CA SER A 119 -24.55 9.37 17.42
C SER A 119 -24.21 7.98 17.93
N GLY A 120 -23.13 7.90 18.71
CA GLY A 120 -22.72 6.63 19.28
C GLY A 120 -21.60 5.96 18.52
N VAL A 121 -21.11 4.86 19.06
CA VAL A 121 -20.05 4.10 18.44
C VAL A 121 -20.60 3.38 17.21
N ASN A 122 -21.82 2.87 17.32
CA ASN A 122 -22.45 2.21 16.18
C ASN A 122 -23.91 2.63 16.04
N TYR A 123 -24.31 2.83 14.80
CA TYR A 123 -25.66 3.24 14.47
C TYR A 123 -26.09 2.47 13.24
N TRP A 124 -27.34 2.00 13.23
CA TRP A 124 -27.83 1.27 12.08
C TRP A 124 -28.57 2.18 11.13
N LEU A 125 -28.03 2.38 9.94
CA LEU A 125 -28.72 3.19 8.96
C LEU A 125 -29.90 2.31 8.55
N VAL A 126 -29.62 1.02 8.38
CA VAL A 126 -30.64 0.02 8.03
C VAL A 126 -30.29 -1.15 8.96
N LYS A 127 -31.16 -1.46 9.92
CA LYS A 127 -30.85 -2.53 10.87
C LYS A 127 -30.36 -3.83 10.29
N ASN A 128 -29.18 -4.22 10.76
CA ASN A 128 -28.49 -5.45 10.36
C ASN A 128 -28.02 -5.49 8.93
N LYS A 129 -28.29 -4.45 8.15
CA LYS A 129 -27.88 -4.40 6.75
C LYS A 129 -26.77 -3.38 6.50
N ILE A 130 -26.89 -2.20 7.09
CA ILE A 130 -25.89 -1.14 6.92
C ILE A 130 -25.52 -0.52 8.26
N GLU A 131 -24.29 -0.72 8.70
CA GLU A 131 -23.86 -0.19 9.99
C GLU A 131 -22.87 0.98 9.88
N VAL A 132 -23.07 2.01 10.69
CA VAL A 132 -22.18 3.16 10.72
C VAL A 132 -21.39 3.04 12.02
N PHE A 133 -20.07 3.04 11.91
CA PHE A 133 -19.21 2.90 13.08
C PHE A 133 -18.32 4.14 13.30
N TYR A 134 -18.16 4.56 14.54
CA TYR A 134 -17.32 5.72 14.86
C TYR A 134 -16.12 5.26 15.68
N PRO A 135 -14.96 5.12 15.03
CA PRO A 135 -13.73 4.70 15.70
C PRO A 135 -13.10 5.75 16.60
N GLY A 136 -13.49 7.00 16.40
CA GLY A 136 -12.93 8.09 17.18
C GLY A 136 -12.21 9.05 16.24
N PRO A 137 -11.73 10.19 16.74
CA PRO A 137 -11.02 11.14 15.88
C PRO A 137 -9.87 10.52 15.09
N GLY A 138 -9.65 11.03 13.89
CA GLY A 138 -8.57 10.54 13.04
C GLY A 138 -8.32 11.60 11.98
N HIS A 139 -8.68 11.28 10.74
CA HIS A 139 -8.53 12.21 9.63
C HIS A 139 -9.20 13.53 10.01
N THR A 140 -10.37 13.41 10.62
CA THR A 140 -11.13 14.57 11.09
C THR A 140 -11.70 14.14 12.44
N PRO A 141 -12.26 15.08 13.21
CA PRO A 141 -12.82 14.72 14.52
C PRO A 141 -14.09 13.87 14.43
N ASP A 142 -14.73 13.91 13.26
CA ASP A 142 -16.01 13.25 13.05
C ASP A 142 -16.05 12.01 12.18
N ASN A 143 -14.94 11.66 11.54
CA ASN A 143 -14.98 10.52 10.64
C ASN A 143 -15.57 9.22 11.17
N VAL A 144 -16.45 8.65 10.36
CA VAL A 144 -17.09 7.40 10.69
C VAL A 144 -16.93 6.50 9.47
N VAL A 145 -17.14 5.21 9.64
CA VAL A 145 -17.05 4.26 8.55
C VAL A 145 -18.38 3.54 8.41
N VAL A 146 -18.59 2.90 7.27
CA VAL A 146 -19.83 2.20 7.02
C VAL A 146 -19.51 0.73 6.78
N TRP A 147 -20.17 -0.14 7.54
CA TRP A 147 -19.96 -1.59 7.43
C TRP A 147 -21.16 -2.30 6.84
N LEU A 148 -20.93 -3.14 5.84
CA LEU A 148 -21.99 -3.91 5.22
C LEU A 148 -21.80 -5.37 5.66
N PRO A 149 -22.55 -5.80 6.67
CA PRO A 149 -22.52 -7.15 7.24
C PRO A 149 -22.58 -8.34 6.29
N GLU A 150 -23.54 -8.34 5.37
CA GLU A 150 -23.69 -9.46 4.45
C GLU A 150 -22.50 -9.76 3.54
N ARG A 151 -21.90 -8.72 2.97
CA ARG A 151 -20.77 -8.90 2.06
C ARG A 151 -19.41 -8.71 2.72
N LYS A 152 -19.42 -8.34 4.00
CA LYS A 152 -18.18 -8.09 4.74
C LYS A 152 -17.38 -7.01 4.03
N ILE A 153 -18.07 -5.93 3.66
CA ILE A 153 -17.44 -4.81 2.97
C ILE A 153 -17.43 -3.59 3.87
N LEU A 154 -16.24 -3.05 4.09
CA LEU A 154 -16.07 -1.87 4.92
C LEU A 154 -15.70 -0.65 4.09
N PHE A 155 -16.50 0.41 4.17
CA PHE A 155 -16.17 1.63 3.47
C PHE A 155 -15.37 2.44 4.49
N GLY A 156 -14.06 2.50 4.31
CA GLY A 156 -13.23 3.22 5.26
C GLY A 156 -13.30 4.73 5.13
N GLY A 157 -13.73 5.19 3.98
CA GLY A 157 -13.82 6.62 3.77
C GLY A 157 -12.46 7.28 3.76
N CYS A 158 -12.39 8.49 4.31
CA CYS A 158 -11.13 9.21 4.34
C CYS A 158 -10.28 8.87 5.56
N PHE A 159 -10.79 7.99 6.41
CA PHE A 159 -10.04 7.56 7.60
C PHE A 159 -9.05 6.44 7.24
N ILE A 160 -9.35 5.66 6.20
CA ILE A 160 -8.45 4.58 5.78
C ILE A 160 -7.38 5.18 4.86
N LYS A 161 -6.15 5.17 5.36
CA LYS A 161 -5.03 5.74 4.63
C LYS A 161 -3.85 4.81 4.76
N PRO A 162 -3.87 3.70 3.99
CA PRO A 162 -2.81 2.69 4.02
C PRO A 162 -1.47 3.10 3.41
N TYR A 163 -1.47 4.21 2.68
CA TYR A 163 -0.24 4.66 2.03
C TYR A 163 0.28 6.01 2.52
N GLY A 164 -0.44 6.62 3.45
CA GLY A 164 -0.05 7.92 3.96
C GLY A 164 -1.31 8.55 4.50
N LEU A 165 -1.19 9.45 5.47
CA LEU A 165 -2.35 10.07 6.10
C LEU A 165 -3.04 11.15 5.28
N GLY A 166 -2.29 11.89 4.49
CA GLY A 166 -2.87 12.97 3.72
C GLY A 166 -2.79 14.25 4.53
N ASN A 167 -3.55 15.27 4.16
CA ASN A 167 -3.52 16.54 4.86
C ASN A 167 -3.96 16.36 6.32
N LEU A 168 -3.22 17.00 7.23
CA LEU A 168 -3.50 16.89 8.66
C LEU A 168 -4.14 18.13 9.29
N GLY A 169 -4.53 19.09 8.46
CA GLY A 169 -5.14 20.31 8.97
C GLY A 169 -6.30 20.11 9.90
N ASP A 170 -7.21 19.19 9.58
CA ASP A 170 -8.36 18.95 10.42
C ASP A 170 -8.23 17.68 11.26
N ALA A 171 -7.07 17.04 11.16
CA ALA A 171 -6.82 15.78 11.87
C ALA A 171 -6.44 15.88 13.34
N ASN A 172 -6.59 14.76 14.02
CA ASN A 172 -6.25 14.61 15.43
C ASN A 172 -5.22 13.48 15.44
N ILE A 173 -3.97 13.82 15.13
CA ILE A 173 -2.92 12.81 15.06
C ILE A 173 -2.65 12.05 16.35
N GLU A 174 -2.97 12.64 17.49
CA GLU A 174 -2.73 11.98 18.76
C GLU A 174 -3.75 10.87 19.03
N ALA A 175 -4.93 10.98 18.41
CA ALA A 175 -5.96 9.98 18.61
C ALA A 175 -6.10 8.97 17.47
N TRP A 176 -5.70 9.37 16.27
CA TRP A 176 -5.81 8.51 15.09
C TRP A 176 -5.34 7.07 15.32
N PRO A 177 -4.11 6.90 15.87
CA PRO A 177 -3.64 5.53 16.12
C PRO A 177 -4.54 4.74 17.06
N LYS A 178 -5.12 5.40 18.05
CA LYS A 178 -6.02 4.74 18.98
C LYS A 178 -7.28 4.33 18.22
N SER A 179 -7.77 5.25 17.41
CA SER A 179 -8.97 5.01 16.61
C SER A 179 -8.75 3.90 15.60
N ALA A 180 -7.56 3.88 15.01
CA ALA A 180 -7.22 2.86 14.02
C ALA A 180 -7.16 1.49 14.69
N LYS A 181 -6.62 1.46 15.90
CA LYS A 181 -6.52 0.21 16.65
C LYS A 181 -7.93 -0.36 16.83
N LEU A 182 -8.85 0.47 17.29
CA LEU A 182 -10.23 0.07 17.51
C LEU A 182 -10.91 -0.42 16.23
N LEU A 183 -10.71 0.29 15.13
CA LEU A 183 -11.32 -0.10 13.86
C LEU A 183 -10.81 -1.47 13.41
N LYS A 184 -9.50 -1.69 13.55
CA LYS A 184 -8.90 -2.95 13.13
C LYS A 184 -9.42 -4.16 13.88
N SER A 185 -9.58 -4.03 15.19
CA SER A 185 -10.06 -5.14 16.00
C SER A 185 -11.56 -5.37 15.81
N LYS A 186 -12.27 -4.33 15.38
CA LYS A 186 -13.70 -4.42 15.16
C LYS A 186 -14.05 -4.99 13.78
N TYR A 187 -13.28 -4.60 12.77
CA TYR A 187 -13.54 -5.04 11.40
C TYR A 187 -12.42 -5.85 10.77
N GLY A 188 -11.63 -6.53 11.58
CA GLY A 188 -10.55 -7.33 11.04
C GLY A 188 -11.10 -8.45 10.17
N LYS A 189 -12.40 -8.72 10.28
CA LYS A 189 -13.02 -9.78 9.51
C LYS A 189 -13.53 -9.33 8.14
N ALA A 190 -13.32 -8.06 7.81
CA ALA A 190 -13.77 -7.52 6.54
C ALA A 190 -13.14 -8.26 5.38
N LYS A 191 -13.89 -8.41 4.29
CA LYS A 191 -13.36 -9.07 3.10
C LYS A 191 -12.83 -8.01 2.13
N LEU A 192 -13.46 -6.85 2.13
CA LEU A 192 -13.06 -5.74 1.27
C LEU A 192 -13.12 -4.44 2.06
N VAL A 193 -12.10 -3.61 1.91
CA VAL A 193 -12.06 -2.32 2.60
C VAL A 193 -11.87 -1.27 1.53
N VAL A 194 -12.86 -0.41 1.36
CA VAL A 194 -12.81 0.63 0.33
C VAL A 194 -12.40 2.02 0.83
N PRO A 195 -11.17 2.46 0.50
CA PRO A 195 -10.72 3.80 0.93
C PRO A 195 -11.37 4.85 0.03
N SER A 196 -11.33 6.10 0.45
CA SER A 196 -11.91 7.18 -0.36
C SER A 196 -10.98 7.59 -1.51
N HIS A 197 -9.67 7.58 -1.26
CA HIS A 197 -8.71 8.05 -2.25
C HIS A 197 -7.69 7.07 -2.79
N SER A 198 -7.96 5.77 -2.69
CA SER A 198 -7.04 4.77 -3.21
C SER A 198 -7.81 3.48 -3.48
N GLU A 199 -7.19 2.56 -4.21
CA GLU A 199 -7.80 1.29 -4.57
C GLU A 199 -8.40 0.47 -3.44
N VAL A 200 -9.35 -0.40 -3.80
CA VAL A 200 -10.01 -1.30 -2.86
C VAL A 200 -9.00 -2.38 -2.47
N GLY A 201 -9.00 -2.77 -1.19
CA GLY A 201 -8.09 -3.80 -0.73
C GLY A 201 -8.79 -4.74 0.24
N ASP A 202 -8.04 -5.44 1.06
CA ASP A 202 -8.66 -6.33 2.04
C ASP A 202 -8.38 -5.84 3.46
N ALA A 203 -8.72 -6.68 4.45
CA ALA A 203 -8.54 -6.32 5.85
C ALA A 203 -7.16 -5.74 6.19
N SER A 204 -6.17 -5.98 5.32
CA SER A 204 -4.82 -5.49 5.57
C SER A 204 -4.70 -3.97 5.50
N LEU A 205 -5.67 -3.31 4.88
CA LEU A 205 -5.62 -1.86 4.81
C LEU A 205 -5.82 -1.26 6.20
N LEU A 206 -6.51 -2.02 7.06
CA LEU A 206 -6.77 -1.56 8.42
C LEU A 206 -5.43 -1.51 9.16
N LYS A 207 -4.65 -2.58 9.02
CA LYS A 207 -3.35 -2.69 9.65
C LYS A 207 -2.41 -1.59 9.12
N LEU A 208 -2.39 -1.42 7.81
CA LEU A 208 -1.54 -0.41 7.19
C LEU A 208 -1.90 0.98 7.70
N THR A 209 -3.21 1.24 7.81
CA THR A 209 -3.68 2.52 8.29
C THR A 209 -3.14 2.77 9.68
N LEU A 210 -3.31 1.80 10.57
CA LEU A 210 -2.82 1.91 11.94
C LEU A 210 -1.35 2.26 11.96
N GLU A 211 -0.56 1.54 11.16
CA GLU A 211 0.87 1.79 11.11
C GLU A 211 1.20 3.20 10.61
N GLN A 212 0.39 3.68 9.67
CA GLN A 212 0.59 5.02 9.13
C GLN A 212 0.29 6.05 10.21
N ALA A 213 -0.75 5.79 11.01
CA ALA A 213 -1.14 6.72 12.07
C ALA A 213 -0.02 6.78 13.10
N VAL A 214 0.48 5.61 13.46
CA VAL A 214 1.57 5.51 14.43
C VAL A 214 2.78 6.30 13.93
N LYS A 215 3.17 6.02 12.69
CA LYS A 215 4.30 6.67 12.05
C LYS A 215 4.08 8.18 12.07
N GLY A 216 2.86 8.58 11.73
CA GLY A 216 2.51 9.99 11.69
C GLY A 216 2.63 10.66 13.05
N LEU A 217 2.12 10.00 14.09
CA LEU A 217 2.19 10.54 15.44
C LEU A 217 3.63 10.71 15.86
N ASN A 218 4.47 9.73 15.54
CA ASN A 218 5.89 9.78 15.88
C ASN A 218 6.63 10.89 15.13
N GLU A 219 6.26 11.09 13.87
CA GLU A 219 6.89 12.11 13.06
C GLU A 219 6.41 13.53 13.42
N LEU B 4 15.66 -9.83 16.55
CA LEU B 4 15.45 -10.85 17.62
C LEU B 4 14.93 -12.16 17.03
N PRO B 5 13.88 -12.11 16.20
CA PRO B 5 13.33 -13.34 15.61
C PRO B 5 14.37 -14.09 14.77
N ASP B 6 14.19 -15.39 14.62
CA ASP B 6 15.13 -16.19 13.84
C ASP B 6 14.85 -16.18 12.34
N LEU B 7 15.92 -16.36 11.57
CA LEU B 7 15.84 -16.42 10.11
C LEU B 7 14.72 -17.36 9.66
N LYS B 8 13.99 -16.97 8.62
CA LYS B 8 12.92 -17.81 8.11
C LYS B 8 13.21 -18.14 6.65
N ILE B 9 12.79 -19.34 6.23
CA ILE B 9 12.99 -19.79 4.86
C ILE B 9 11.71 -20.46 4.40
N GLU B 10 10.90 -19.73 3.63
CA GLU B 10 9.63 -20.25 3.15
C GLU B 10 9.57 -20.33 1.65
N LYS B 11 8.96 -21.41 1.15
CA LYS B 11 8.82 -21.60 -0.28
C LYS B 11 7.83 -20.59 -0.83
N LEU B 12 8.20 -19.92 -1.92
CA LEU B 12 7.33 -18.93 -2.53
C LEU B 12 6.71 -19.52 -3.79
N ASP B 13 7.52 -20.24 -4.56
CA ASP B 13 7.06 -20.85 -5.79
C ASP B 13 8.04 -21.98 -6.09
N GLU B 14 7.79 -22.75 -7.14
CA GLU B 14 8.70 -23.83 -7.49
C GLU B 14 10.10 -23.26 -7.65
N GLY B 15 11.08 -23.85 -6.97
CA GLY B 15 12.45 -23.41 -7.05
C GLY B 15 12.76 -22.03 -6.48
N VAL B 16 11.78 -21.42 -5.82
CA VAL B 16 12.00 -20.09 -5.28
C VAL B 16 11.59 -19.96 -3.82
N TYR B 17 12.55 -19.59 -2.98
CA TYR B 17 12.29 -19.42 -1.55
C TYR B 17 12.54 -17.99 -1.11
N VAL B 18 11.81 -17.57 -0.08
CA VAL B 18 11.98 -16.24 0.48
C VAL B 18 12.69 -16.43 1.81
N HIS B 19 13.76 -15.69 2.02
CA HIS B 19 14.46 -15.77 3.29
C HIS B 19 14.29 -14.45 4.01
N THR B 20 13.86 -14.53 5.27
CA THR B 20 13.61 -13.35 6.07
C THR B 20 14.49 -13.28 7.30
N SER B 21 15.22 -12.18 7.45
CA SER B 21 16.08 -11.95 8.60
C SER B 21 15.54 -10.70 9.29
N PHE B 22 15.97 -10.42 10.52
CA PHE B 22 15.45 -9.25 11.22
C PHE B 22 16.47 -8.31 11.88
N GLU B 23 16.04 -7.09 12.15
CA GLU B 23 16.87 -6.07 12.77
C GLU B 23 16.01 -5.03 13.51
N GLU B 24 16.56 -4.46 14.57
CA GLU B 24 15.85 -3.44 15.36
C GLU B 24 16.08 -2.08 14.71
N VAL B 25 15.00 -1.38 14.37
CA VAL B 25 15.14 -0.08 13.73
C VAL B 25 14.52 1.07 14.52
N ASN B 26 15.23 2.20 14.49
CA ASN B 26 14.82 3.42 15.16
C ASN B 26 13.33 3.76 14.98
N GLY B 27 12.54 3.50 16.02
CA GLY B 27 11.13 3.81 15.98
C GLY B 27 10.27 2.78 15.27
N TRP B 28 10.89 1.94 14.47
CA TRP B 28 10.16 0.91 13.74
C TRP B 28 9.99 -0.38 14.51
N GLY B 29 10.93 -0.67 15.40
CA GLY B 29 10.87 -1.91 16.15
C GLY B 29 11.64 -2.91 15.34
N VAL B 30 11.33 -4.20 15.48
CA VAL B 30 12.03 -5.19 14.69
C VAL B 30 11.42 -5.21 13.29
N VAL B 31 12.24 -4.81 12.32
CA VAL B 31 11.83 -4.74 10.92
C VAL B 31 12.30 -5.96 10.12
N PRO B 32 11.42 -6.56 9.31
CA PRO B 32 11.84 -7.72 8.53
C PRO B 32 12.54 -7.36 7.23
N LYS B 33 13.41 -8.24 6.76
CA LYS B 33 14.13 -8.06 5.51
C LYS B 33 14.00 -9.33 4.69
N HIS B 34 13.46 -9.20 3.49
CA HIS B 34 13.25 -10.34 2.60
C HIS B 34 14.27 -10.40 1.47
N GLY B 35 14.67 -11.62 1.16
CA GLY B 35 15.61 -11.90 0.09
C GLY B 35 15.11 -13.21 -0.50
N LEU B 36 15.78 -13.71 -1.53
CA LEU B 36 15.36 -14.96 -2.15
C LEU B 36 16.51 -15.92 -2.34
N VAL B 37 16.14 -17.18 -2.54
CA VAL B 37 17.10 -18.22 -2.86
C VAL B 37 16.43 -18.89 -4.05
N VAL B 38 17.10 -18.83 -5.20
CA VAL B 38 16.58 -19.39 -6.42
C VAL B 38 17.30 -20.69 -6.76
N LEU B 39 16.53 -21.76 -6.93
CA LEU B 39 17.11 -23.04 -7.26
C LEU B 39 17.16 -23.22 -8.78
N VAL B 40 18.31 -23.68 -9.25
CA VAL B 40 18.53 -23.92 -10.67
C VAL B 40 19.24 -25.26 -10.83
N ASN B 41 18.46 -26.35 -10.88
CA ASN B 41 19.02 -27.70 -11.03
C ASN B 41 20.16 -28.02 -10.05
N ALA B 42 19.84 -28.29 -8.79
CA ALA B 42 20.89 -28.62 -7.82
C ALA B 42 21.85 -27.47 -7.55
N GLU B 43 21.50 -26.28 -8.01
CA GLU B 43 22.34 -25.11 -7.77
C GLU B 43 21.46 -24.06 -7.12
N ALA B 44 22.01 -23.40 -6.11
CA ALA B 44 21.26 -22.38 -5.39
C ALA B 44 21.91 -21.01 -5.50
N TYR B 45 21.08 -19.99 -5.69
CA TYR B 45 21.54 -18.62 -5.78
C TYR B 45 20.83 -17.73 -4.76
N LEU B 46 21.61 -16.96 -4.02
CA LEU B 46 21.05 -16.05 -3.03
C LEU B 46 20.77 -14.70 -3.66
N ILE B 47 19.55 -14.22 -3.47
CA ILE B 47 19.17 -12.92 -3.98
C ILE B 47 19.17 -12.13 -2.68
N ASP B 48 20.23 -11.35 -2.46
CA ASP B 48 20.44 -10.58 -1.25
C ASP B 48 20.83 -11.55 -0.13
N THR B 49 21.67 -11.07 0.78
CA THR B 49 22.11 -11.87 1.92
C THR B 49 21.50 -11.29 3.19
N PRO B 50 21.44 -12.09 4.26
CA PRO B 50 20.86 -11.60 5.52
C PRO B 50 21.75 -10.49 6.07
N PHE B 51 21.34 -9.87 7.18
CA PHE B 51 22.10 -8.79 7.78
C PHE B 51 23.47 -9.24 8.29
N THR B 52 23.49 -10.40 8.94
CA THR B 52 24.68 -10.92 9.57
C THR B 52 25.33 -12.13 8.92
N ALA B 53 26.55 -12.44 9.37
CA ALA B 53 27.27 -13.60 8.89
C ALA B 53 26.55 -14.84 9.41
N LYS B 54 26.07 -14.74 10.64
CA LYS B 54 25.35 -15.83 11.29
C LYS B 54 24.20 -16.38 10.46
N ASP B 55 23.26 -15.52 10.09
CA ASP B 55 22.11 -15.96 9.29
C ASP B 55 22.50 -16.38 7.88
N THR B 56 23.53 -15.76 7.32
CA THR B 56 23.98 -16.11 5.97
C THR B 56 24.50 -17.54 6.03
N GLU B 57 25.22 -17.85 7.10
CA GLU B 57 25.77 -19.18 7.28
C GLU B 57 24.61 -20.15 7.45
N LYS B 58 23.62 -19.74 8.23
CA LYS B 58 22.44 -20.57 8.48
C LYS B 58 21.73 -20.81 7.15
N LEU B 59 21.50 -19.73 6.40
CA LEU B 59 20.83 -19.81 5.11
C LEU B 59 21.54 -20.75 4.17
N VAL B 60 22.85 -20.57 4.01
CA VAL B 60 23.65 -21.40 3.12
C VAL B 60 23.63 -22.88 3.48
N THR B 61 23.73 -23.16 4.79
CA THR B 61 23.73 -24.53 5.26
C THR B 61 22.39 -25.22 5.03
N TRP B 62 21.29 -24.49 5.20
CA TRP B 62 19.96 -25.06 5.00
C TRP B 62 19.85 -25.67 3.61
N PHE B 63 20.42 -24.99 2.63
CA PHE B 63 20.37 -25.48 1.25
C PHE B 63 21.42 -26.51 0.90
N VAL B 64 22.61 -26.38 1.48
CA VAL B 64 23.65 -27.34 1.21
C VAL B 64 23.25 -28.70 1.80
N GLU B 65 22.67 -28.68 3.00
CA GLU B 65 22.23 -29.91 3.65
C GLU B 65 21.04 -30.52 2.91
N ARG B 66 20.57 -29.81 1.89
CA ARG B 66 19.46 -30.32 1.11
C ARG B 66 19.90 -30.70 -0.31
N GLY B 67 21.21 -30.72 -0.54
CA GLY B 67 21.74 -31.12 -1.83
C GLY B 67 22.12 -30.08 -2.85
N TYR B 68 21.85 -28.81 -2.58
CA TYR B 68 22.18 -27.76 -3.53
C TYR B 68 23.57 -27.19 -3.32
N LYS B 69 24.23 -26.83 -4.41
CA LYS B 69 25.55 -26.23 -4.33
C LYS B 69 25.35 -24.72 -4.44
N ILE B 70 25.77 -24.00 -3.41
CA ILE B 70 25.63 -22.56 -3.40
C ILE B 70 26.54 -22.00 -4.50
N LYS B 71 25.93 -21.58 -5.60
CA LYS B 71 26.66 -21.06 -6.74
C LYS B 71 27.02 -19.59 -6.58
N GLY B 72 26.44 -18.93 -5.58
CA GLY B 72 26.76 -17.53 -5.36
C GLY B 72 25.59 -16.69 -4.89
N SER B 73 25.89 -15.42 -4.59
CA SER B 73 24.86 -14.49 -4.15
C SER B 73 25.01 -13.18 -4.92
N ILE B 74 23.89 -12.52 -5.13
CA ILE B 74 23.88 -11.24 -5.84
C ILE B 74 23.16 -10.28 -4.90
N SER B 75 23.72 -9.08 -4.70
CA SER B 75 23.12 -8.10 -3.80
C SER B 75 22.42 -6.98 -4.57
N SER B 76 21.18 -6.68 -4.18
CA SER B 76 20.36 -5.66 -4.85
C SER B 76 20.80 -4.20 -4.66
N HIS B 77 21.48 -3.91 -3.54
CA HIS B 77 22.01 -2.56 -3.29
C HIS B 77 23.03 -2.64 -2.16
N PHE B 78 23.75 -1.55 -1.89
CA PHE B 78 24.82 -1.61 -0.88
C PHE B 78 24.51 -1.71 0.60
N HIS B 79 23.34 -1.24 1.03
CA HIS B 79 22.99 -1.30 2.45
C HIS B 79 23.20 -2.72 3.01
N SER B 80 23.61 -2.80 4.27
CA SER B 80 23.89 -4.09 4.91
C SER B 80 22.75 -5.09 4.94
N ASP B 81 21.52 -4.65 4.66
CA ASP B 81 20.44 -5.60 4.70
C ASP B 81 20.39 -6.47 3.43
N SER B 82 21.27 -6.13 2.47
CA SER B 82 21.38 -6.87 1.20
C SER B 82 22.79 -7.44 1.07
N THR B 83 23.75 -6.77 1.71
CA THR B 83 25.16 -7.14 1.62
C THR B 83 25.82 -7.65 2.91
N GLY B 84 25.06 -7.69 4.00
CA GLY B 84 25.62 -8.13 5.27
C GLY B 84 26.35 -9.46 5.28
N GLY B 85 26.09 -10.32 4.31
CA GLY B 85 26.75 -11.61 4.30
C GLY B 85 27.88 -11.78 3.30
N ILE B 86 28.20 -10.75 2.54
CA ILE B 86 29.29 -10.84 1.57
C ILE B 86 30.60 -11.17 2.26
N GLU B 87 30.87 -10.52 3.38
CA GLU B 87 32.10 -10.76 4.12
C GLU B 87 32.28 -12.25 4.39
N TRP B 88 31.24 -12.88 4.93
CA TRP B 88 31.31 -14.30 5.24
C TRP B 88 31.48 -15.17 3.99
N LEU B 89 30.62 -14.95 2.99
CA LEU B 89 30.67 -15.73 1.76
C LEU B 89 32.04 -15.67 1.09
N ASN B 90 32.63 -14.49 1.03
CA ASN B 90 33.95 -14.30 0.42
C ASN B 90 35.02 -15.12 1.13
N SER B 91 34.96 -15.12 2.46
CA SER B 91 35.92 -15.84 3.28
C SER B 91 35.73 -17.34 3.12
N ARG B 92 34.61 -17.76 2.56
CA ARG B 92 34.35 -19.17 2.34
C ARG B 92 34.49 -19.48 0.85
N SER B 93 35.06 -18.51 0.12
CA SER B 93 35.26 -18.62 -1.32
C SER B 93 34.00 -18.89 -2.13
N ILE B 94 32.87 -18.33 -1.68
CA ILE B 94 31.60 -18.46 -2.38
C ILE B 94 31.46 -17.19 -3.22
N PRO B 95 31.26 -17.33 -4.53
CA PRO B 95 31.12 -16.18 -5.43
C PRO B 95 30.08 -15.15 -4.99
N THR B 96 30.48 -13.89 -4.95
CA THR B 96 29.57 -12.81 -4.59
C THR B 96 29.49 -11.87 -5.78
N TYR B 97 28.30 -11.29 -6.00
CA TYR B 97 28.09 -10.38 -7.11
C TYR B 97 27.40 -9.11 -6.65
N ALA B 98 27.82 -8.00 -7.25
CA ALA B 98 27.25 -6.69 -6.96
C ALA B 98 27.58 -5.83 -8.17
N SER B 99 26.72 -4.87 -8.47
CA SER B 99 26.94 -3.97 -9.60
C SER B 99 28.17 -3.11 -9.31
N GLU B 100 28.73 -2.53 -10.37
CA GLU B 100 29.90 -1.66 -10.22
C GLU B 100 29.58 -0.48 -9.28
N LEU B 101 28.36 0.04 -9.35
CA LEU B 101 27.98 1.16 -8.49
C LEU B 101 27.86 0.71 -7.04
N THR B 102 27.40 -0.52 -6.83
CA THR B 102 27.26 -1.06 -5.47
C THR B 102 28.63 -1.27 -4.83
N ASN B 103 29.59 -1.80 -5.59
CA ASN B 103 30.91 -2.02 -5.04
C ASN B 103 31.60 -0.70 -4.73
N GLU B 104 31.34 0.30 -5.55
CA GLU B 104 31.92 1.62 -5.37
C GLU B 104 31.36 2.23 -4.10
N LEU B 105 30.06 2.08 -3.88
CA LEU B 105 29.42 2.62 -2.68
C LEU B 105 29.90 1.83 -1.46
N LEU B 106 30.02 0.52 -1.60
CA LEU B 106 30.49 -0.34 -0.50
C LEU B 106 31.88 0.07 -0.04
N LYS B 107 32.80 0.25 -0.99
CA LYS B 107 34.18 0.64 -0.67
C LYS B 107 34.18 1.96 0.11
N LYS B 108 33.41 2.94 -0.37
CA LYS B 108 33.34 4.23 0.30
C LYS B 108 32.77 4.18 1.70
N ASP B 109 31.93 3.18 1.95
CA ASP B 109 31.30 3.04 3.24
C ASP B 109 32.12 2.12 4.15
N GLY B 110 33.30 1.75 3.69
CA GLY B 110 34.15 0.87 4.46
C GLY B 110 33.53 -0.50 4.61
N LYS B 111 33.09 -1.07 3.50
CA LYS B 111 32.47 -2.39 3.49
C LYS B 111 33.16 -3.28 2.47
N VAL B 112 33.21 -4.58 2.74
CA VAL B 112 33.85 -5.50 1.82
C VAL B 112 33.00 -5.54 0.54
N GLN B 113 33.67 -5.62 -0.61
CA GLN B 113 32.98 -5.63 -1.88
C GLN B 113 32.72 -7.03 -2.41
N ALA B 114 31.80 -7.13 -3.36
CA ALA B 114 31.48 -8.40 -3.98
C ALA B 114 32.69 -8.75 -4.82
N THR B 115 32.97 -10.04 -4.95
CA THR B 115 34.12 -10.50 -5.73
C THR B 115 33.93 -10.29 -7.23
N ASN B 116 32.69 -10.35 -7.69
CA ASN B 116 32.38 -10.17 -9.10
C ASN B 116 31.42 -9.00 -9.24
N SER B 117 31.70 -8.11 -10.19
CA SER B 117 30.82 -6.97 -10.41
C SER B 117 30.36 -6.92 -11.86
N PHE B 118 29.34 -6.12 -12.11
CA PHE B 118 28.79 -5.98 -13.45
C PHE B 118 28.25 -4.57 -13.60
N SER B 119 27.94 -4.19 -14.84
CA SER B 119 27.39 -2.88 -15.12
C SER B 119 26.48 -2.99 -16.33
N GLY B 120 25.73 -1.94 -16.61
CA GLY B 120 24.83 -1.96 -17.74
C GLY B 120 23.39 -2.04 -17.28
N VAL B 121 22.47 -2.05 -18.24
CA VAL B 121 21.05 -2.11 -17.94
C VAL B 121 20.65 -3.51 -17.49
N ASN B 122 21.14 -4.50 -18.22
CA ASN B 122 20.85 -5.90 -17.93
C ASN B 122 22.11 -6.69 -17.60
N TYR B 123 21.93 -7.73 -16.80
CA TYR B 123 23.02 -8.61 -16.42
C TYR B 123 22.42 -10.00 -16.22
N TRP B 124 22.88 -10.96 -17.01
CA TRP B 124 22.37 -12.31 -16.93
C TRP B 124 23.19 -13.21 -16.04
N LEU B 125 22.76 -13.39 -14.80
CA LEU B 125 23.48 -14.24 -13.86
C LEU B 125 23.32 -15.70 -14.30
N VAL B 126 22.10 -16.07 -14.67
CA VAL B 126 21.82 -17.41 -15.17
C VAL B 126 20.90 -17.19 -16.35
N LYS B 127 21.45 -17.30 -17.55
CA LYS B 127 20.69 -17.07 -18.77
C LYS B 127 19.28 -17.65 -18.76
N ASN B 128 18.30 -16.75 -18.87
CA ASN B 128 16.88 -17.11 -18.92
C ASN B 128 16.25 -17.54 -17.59
N LYS B 129 17.07 -17.70 -16.55
CA LYS B 129 16.55 -18.12 -15.25
C LYS B 129 16.62 -16.99 -14.22
N ILE B 130 17.79 -16.35 -14.12
CA ILE B 130 18.01 -15.25 -13.17
C ILE B 130 18.63 -14.03 -13.87
N GLU B 131 17.85 -12.94 -13.96
CA GLU B 131 18.33 -11.73 -14.62
C GLU B 131 18.30 -10.51 -13.72
N VAL B 132 19.39 -9.74 -13.72
CA VAL B 132 19.49 -8.53 -12.92
C VAL B 132 19.24 -7.31 -13.79
N PHE B 133 18.34 -6.44 -13.35
CA PHE B 133 17.99 -5.22 -14.09
C PHE B 133 18.24 -3.95 -13.27
N TYR B 134 18.77 -2.91 -13.91
CA TYR B 134 19.02 -1.65 -13.23
C TYR B 134 18.06 -0.61 -13.80
N PRO B 135 17.04 -0.22 -13.02
CA PRO B 135 16.07 0.76 -13.49
C PRO B 135 16.56 2.20 -13.34
N GLY B 136 17.66 2.38 -12.61
CA GLY B 136 18.20 3.71 -12.38
C GLY B 136 18.19 4.04 -10.90
N PRO B 137 18.66 5.24 -10.51
CA PRO B 137 18.69 5.67 -9.10
C PRO B 137 17.31 5.72 -8.48
N GLY B 138 17.23 5.46 -7.17
CA GLY B 138 15.97 5.49 -6.46
C GLY B 138 16.28 5.44 -4.97
N HIS B 139 15.92 4.33 -4.32
CA HIS B 139 16.18 4.14 -2.91
C HIS B 139 17.65 4.47 -2.63
N THR B 140 18.54 3.91 -3.44
CA THR B 140 19.97 4.18 -3.33
C THR B 140 20.40 4.43 -4.78
N PRO B 141 21.59 5.01 -4.97
CA PRO B 141 22.03 5.28 -6.35
C PRO B 141 22.22 4.03 -7.19
N ASP B 142 22.44 2.91 -6.49
CA ASP B 142 22.76 1.64 -7.13
C ASP B 142 21.72 0.53 -7.18
N ASN B 143 20.59 0.69 -6.50
CA ASN B 143 19.63 -0.40 -6.46
C ASN B 143 19.30 -1.06 -7.80
N VAL B 144 19.34 -2.39 -7.79
CA VAL B 144 19.02 -3.19 -8.97
C VAL B 144 17.92 -4.16 -8.55
N VAL B 145 17.23 -4.73 -9.51
CA VAL B 145 16.18 -5.70 -9.21
C VAL B 145 16.57 -7.01 -9.87
N VAL B 146 15.94 -8.10 -9.43
CA VAL B 146 16.21 -9.42 -9.96
C VAL B 146 14.93 -10.02 -10.53
N TRP B 147 14.98 -10.34 -11.81
CA TRP B 147 13.83 -10.88 -12.50
C TRP B 147 14.00 -12.37 -12.78
N LEU B 148 13.01 -13.15 -12.36
CA LEU B 148 13.00 -14.60 -12.57
C LEU B 148 11.95 -14.84 -13.65
N PRO B 149 12.38 -14.82 -14.91
CA PRO B 149 11.56 -15.01 -16.12
C PRO B 149 10.57 -16.19 -16.09
N GLU B 150 11.07 -17.35 -15.69
CA GLU B 150 10.26 -18.56 -15.65
C GLU B 150 9.08 -18.54 -14.68
N ARG B 151 9.20 -17.77 -13.59
CA ARG B 151 8.09 -17.71 -12.63
C ARG B 151 7.37 -16.38 -12.68
N LYS B 152 7.90 -15.43 -13.44
CA LYS B 152 7.31 -14.10 -13.55
C LYS B 152 7.41 -13.40 -12.20
N ILE B 153 8.46 -13.71 -11.44
CA ILE B 153 8.67 -13.11 -10.14
C ILE B 153 9.75 -12.04 -10.20
N LEU B 154 9.47 -10.88 -9.62
CA LEU B 154 10.42 -9.79 -9.59
C LEU B 154 10.81 -9.47 -8.16
N PHE B 155 12.09 -9.62 -7.83
CA PHE B 155 12.53 -9.25 -6.50
C PHE B 155 12.89 -7.78 -6.67
N GLY B 156 12.14 -6.89 -6.03
CA GLY B 156 12.40 -5.47 -6.18
C GLY B 156 13.29 -4.89 -5.10
N GLY B 157 13.57 -5.68 -4.09
CA GLY B 157 14.42 -5.22 -3.02
C GLY B 157 13.90 -3.99 -2.29
N CYS B 158 14.81 -3.08 -1.96
CA CYS B 158 14.45 -1.89 -1.23
C CYS B 158 13.96 -0.78 -2.14
N PHE B 159 13.95 -1.04 -3.45
CA PHE B 159 13.44 -0.04 -4.38
C PHE B 159 11.91 -0.02 -4.31
N ILE B 160 11.30 -1.20 -4.20
CA ILE B 160 9.84 -1.30 -4.11
C ILE B 160 9.40 -0.78 -2.73
N LYS B 161 8.71 0.35 -2.73
CA LYS B 161 8.22 0.99 -1.50
C LYS B 161 6.79 1.48 -1.72
N PRO B 162 5.82 0.54 -1.73
CA PRO B 162 4.41 0.87 -1.95
C PRO B 162 3.71 1.71 -0.89
N TYR B 163 4.21 1.67 0.34
CA TYR B 163 3.58 2.38 1.43
C TYR B 163 4.36 3.61 1.93
N GLY B 164 5.48 3.90 1.30
CA GLY B 164 6.32 5.01 1.71
C GLY B 164 7.76 4.73 1.30
N LEU B 165 8.51 5.77 0.98
CA LEU B 165 9.88 5.63 0.51
C LEU B 165 10.91 5.16 1.54
N GLY B 166 10.70 5.49 2.80
CA GLY B 166 11.65 5.08 3.82
C GLY B 166 12.68 6.18 3.98
N ASN B 167 13.84 5.86 4.53
CA ASN B 167 14.89 6.85 4.72
C ASN B 167 15.46 7.34 3.39
N LEU B 168 15.43 8.65 3.20
CA LEU B 168 15.93 9.27 1.97
C LEU B 168 17.38 9.76 2.04
N GLY B 169 18.09 9.37 3.09
CA GLY B 169 19.48 9.78 3.25
C GLY B 169 20.36 9.47 2.05
N ASP B 170 20.37 8.19 1.64
CA ASP B 170 21.17 7.78 0.50
C ASP B 170 20.37 7.68 -0.79
N ALA B 171 19.17 8.23 -0.79
CA ALA B 171 18.28 8.16 -1.95
C ALA B 171 18.46 9.29 -2.96
N ASN B 172 17.88 9.08 -4.13
CA ASN B 172 17.91 10.05 -5.20
C ASN B 172 16.43 10.23 -5.52
N ILE B 173 15.79 11.08 -4.73
CA ILE B 173 14.36 11.33 -4.88
C ILE B 173 14.03 12.07 -6.17
N GLU B 174 15.01 12.78 -6.72
CA GLU B 174 14.82 13.55 -7.93
C GLU B 174 14.68 12.62 -9.14
N ALA B 175 15.34 11.47 -9.06
CA ALA B 175 15.31 10.51 -10.17
C ALA B 175 14.43 9.28 -9.93
N TRP B 176 14.06 9.02 -8.68
CA TRP B 176 13.26 7.83 -8.36
C TRP B 176 12.03 7.67 -9.26
N PRO B 177 11.22 8.72 -9.41
CA PRO B 177 10.04 8.57 -10.27
C PRO B 177 10.35 8.09 -11.68
N LYS B 178 11.41 8.61 -12.28
CA LYS B 178 11.78 8.21 -13.62
C LYS B 178 12.16 6.73 -13.62
N SER B 179 12.94 6.33 -12.62
CA SER B 179 13.37 4.94 -12.47
C SER B 179 12.18 4.01 -12.23
N ALA B 180 11.26 4.46 -11.38
CA ALA B 180 10.08 3.67 -11.05
C ALA B 180 9.19 3.52 -12.28
N LYS B 181 9.20 4.52 -13.16
CA LYS B 181 8.38 4.43 -14.37
C LYS B 181 8.97 3.39 -15.32
N LEU B 182 10.29 3.41 -15.50
CA LEU B 182 10.96 2.44 -16.37
C LEU B 182 10.75 1.02 -15.86
N LEU B 183 10.82 0.84 -14.55
CA LEU B 183 10.63 -0.47 -13.95
C LEU B 183 9.21 -0.98 -14.17
N LYS B 184 8.23 -0.09 -13.97
CA LYS B 184 6.84 -0.48 -14.15
C LYS B 184 6.58 -0.96 -15.57
N SER B 185 7.13 -0.27 -16.57
CA SER B 185 6.91 -0.66 -17.96
C SER B 185 7.68 -1.91 -18.39
N LYS B 186 8.80 -2.17 -17.73
CA LYS B 186 9.61 -3.34 -18.07
C LYS B 186 9.05 -4.63 -17.47
N TYR B 187 8.54 -4.54 -16.24
CA TYR B 187 8.02 -5.71 -15.56
C TYR B 187 6.55 -5.64 -15.18
N GLY B 188 5.76 -4.99 -16.02
CA GLY B 188 4.33 -4.88 -15.74
C GLY B 188 3.60 -6.22 -15.77
N LYS B 189 4.21 -7.24 -16.37
CA LYS B 189 3.59 -8.56 -16.47
C LYS B 189 3.96 -9.47 -15.30
N ALA B 190 4.68 -8.92 -14.32
CA ALA B 190 5.09 -9.69 -13.16
C ALA B 190 3.88 -10.24 -12.42
N LYS B 191 3.98 -11.49 -11.99
CA LYS B 191 2.90 -12.13 -11.23
C LYS B 191 3.08 -11.82 -9.75
N LEU B 192 4.34 -11.82 -9.31
CA LEU B 192 4.67 -11.51 -7.93
C LEU B 192 5.82 -10.50 -7.88
N VAL B 193 5.70 -9.51 -7.00
CA VAL B 193 6.73 -8.51 -6.81
C VAL B 193 7.11 -8.64 -5.34
N VAL B 194 8.38 -8.92 -5.08
CA VAL B 194 8.84 -9.10 -3.70
C VAL B 194 9.63 -7.90 -3.16
N PRO B 195 9.03 -7.16 -2.20
CA PRO B 195 9.69 -6.00 -1.57
C PRO B 195 10.64 -6.50 -0.50
N SER B 196 11.54 -5.64 -0.04
CA SER B 196 12.48 -6.03 1.00
C SER B 196 11.86 -5.91 2.39
N HIS B 197 11.03 -4.91 2.60
CA HIS B 197 10.45 -4.67 3.92
C HIS B 197 8.94 -4.72 4.11
N SER B 198 8.23 -5.42 3.23
CA SER B 198 6.79 -5.56 3.35
C SER B 198 6.30 -6.75 2.53
N GLU B 199 5.07 -7.17 2.78
CA GLU B 199 4.47 -8.33 2.11
C GLU B 199 4.71 -8.44 0.61
N VAL B 200 4.68 -9.68 0.13
CA VAL B 200 4.81 -9.97 -1.29
C VAL B 200 3.48 -9.56 -1.90
N GLY B 201 3.51 -8.97 -3.09
CA GLY B 201 2.28 -8.55 -3.75
C GLY B 201 2.36 -8.80 -5.24
N ASP B 202 1.56 -8.09 -6.02
CA ASP B 202 1.58 -8.25 -7.49
C ASP B 202 2.09 -6.99 -8.16
N ALA B 203 2.03 -6.98 -9.50
CA ALA B 203 2.51 -5.84 -10.28
C ALA B 203 2.03 -4.46 -9.79
N SER B 204 0.98 -4.43 -8.96
CA SER B 204 0.46 -3.15 -8.47
C SER B 204 1.45 -2.42 -7.55
N LEU B 205 2.41 -3.16 -6.99
CA LEU B 205 3.38 -2.51 -6.11
C LEU B 205 4.32 -1.65 -6.95
N LEU B 206 4.36 -1.92 -8.26
CA LEU B 206 5.21 -1.15 -9.16
C LEU B 206 4.59 0.24 -9.24
N LYS B 207 3.28 0.25 -9.49
CA LYS B 207 2.51 1.47 -9.58
C LYS B 207 2.56 2.26 -8.26
N LEU B 208 2.31 1.57 -7.14
CA LEU B 208 2.32 2.22 -5.84
C LEU B 208 3.69 2.82 -5.53
N THR B 209 4.75 2.15 -5.96
CA THR B 209 6.09 2.66 -5.71
C THR B 209 6.28 3.94 -6.50
N LEU B 210 5.81 3.94 -7.75
CA LEU B 210 5.93 5.12 -8.58
C LEU B 210 5.21 6.31 -7.97
N GLU B 211 3.97 6.10 -7.54
CA GLU B 211 3.19 7.19 -6.95
C GLU B 211 3.86 7.73 -5.68
N GLN B 212 4.46 6.84 -4.90
CA GLN B 212 5.14 7.26 -3.68
C GLN B 212 6.39 8.09 -4.04
N ALA B 213 7.06 7.73 -5.12
CA ALA B 213 8.25 8.45 -5.56
C ALA B 213 7.83 9.84 -6.04
N VAL B 214 6.74 9.90 -6.79
CA VAL B 214 6.24 11.18 -7.28
C VAL B 214 5.86 12.05 -6.08
N LYS B 215 5.09 11.47 -5.17
CA LYS B 215 4.67 12.19 -3.97
C LYS B 215 5.93 12.66 -3.24
N GLY B 216 6.89 11.77 -3.10
CA GLY B 216 8.13 12.10 -2.43
C GLY B 216 8.88 13.26 -3.05
N LEU B 217 9.03 13.24 -4.38
CA LEU B 217 9.72 14.34 -5.03
C LEU B 217 8.95 15.64 -4.88
N ASN B 218 7.63 15.59 -5.01
CA ASN B 218 6.82 16.78 -4.89
C ASN B 218 7.07 17.51 -3.57
N GLU B 219 7.58 16.79 -2.58
CA GLU B 219 7.85 17.36 -1.28
C GLU B 219 9.34 17.69 -1.11
ZN ZN C . -11.63 14.64 4.47
ZN ZN D . -11.40 12.65 1.34
C1 C4H E . -1.10 8.18 -1.35
C1 C4H E . -1.09 8.23 -1.33
C2 C4H E . -0.09 8.70 -0.42
C2 C4H E . -0.09 8.69 -0.38
C3 C4H E . -0.86 7.28 -2.54
C3 C4H E . -0.86 7.36 -2.54
N4 C4H E . 0.52 6.76 -3.02
N4 C4H E . 0.53 6.79 -2.97
C5 C4H E . 0.85 5.64 -2.37
C5 C4H E . 0.83 5.66 -2.29
C6 C4H E . 1.42 7.58 -3.01
C6 C4H E . 1.46 7.58 -2.94
C7 C4H E . -2.01 6.89 -3.30
C7 C4H E . -1.99 7.04 -3.35
C8 C4H E . -3.33 7.30 -2.98
C8 C4H E . -3.30 7.50 -3.07
C9 C4H E . -3.56 8.13 -1.86
C9 C4H E . -3.52 8.32 -1.94
C10 C4H E . -2.48 8.59 -1.01
C10 C4H E . -2.46 8.72 -1.06
C11 C4H E . -2.76 9.48 0.16
C11 C4H E . -2.74 9.59 0.11
C12 C4H E . -1.68 9.92 0.98
C12 C4H E . -1.68 9.97 0.99
C13 C4H E . -0.37 9.53 0.69
C13 C4H E . -0.36 9.52 0.74
S14 C4H E . -4.41 9.99 0.55
S14 C4H E . -4.38 10.17 0.43
N15 C4H E . -5.05 10.89 -0.48
N15 C4H E . -4.90 11.05 -0.64
C16 C4H E . -4.24 11.67 -1.46
C16 C4H E . -3.99 11.98 -1.31
C17 C4H E . -4.57 13.21 -1.34
C17 C4H E . -4.45 13.43 -1.21
C18 C4H E . -6.14 13.44 -1.47
C18 C4H E . -5.85 13.59 -1.84
C19 C4H E . -6.55 14.91 -1.45
C19 C4H E . -6.28 15.07 -1.80
N20 C4H E . -8.01 15.11 -1.23
N20 C4H E . -6.97 15.49 -0.60
C21 C4H E . -8.44 15.71 0.06
C21 C4H E . -8.42 15.37 -0.46
O22 C4H E . -7.58 16.01 0.90
O22 C4H E . -9.18 14.92 -1.36
C23 C4H E . -9.97 15.90 0.29
C23 C4H E . -8.86 15.93 0.87
C24 C4H E . -10.38 15.95 1.76
C24 C4H E . -10.30 15.68 1.18
S25 C4H E . -10.54 14.41 2.71
S25 C4H E . -10.63 14.54 2.55
O26 C4H E . -4.43 10.68 1.88
O26 C4H E . -4.42 10.96 1.70
O27 C4H E . -5.28 8.80 0.58
O27 C4H E . -5.31 9.01 0.54
ZN ZN F . 18.59 0.25 1.61
ZN ZN G . 16.36 -2.41 2.90
C1 C4H H . 5.91 1.57 5.79
C1 C4H H . 5.89 1.59 5.80
C2 C4H H . 5.98 3.02 5.65
C2 C4H H . 5.91 3.02 5.63
C3 C4H H . 4.74 0.77 6.29
C3 C4H H . 4.74 0.76 6.31
N4 C4H H . 3.36 1.40 6.73
N4 C4H H . 3.35 1.36 6.76
C5 C4H H . 2.62 1.73 5.68
C5 C4H H . 2.62 1.76 5.70
C6 C4H H . 3.44 2.33 7.51
C6 C4H H . 3.42 2.24 7.60
C7 C4H H . 4.89 -0.65 6.36
C7 C4H H . 4.92 -0.66 6.40
C8 C4H H . 6.07 -1.33 5.99
C8 C4H H . 6.12 -1.31 6.03
C9 C4H H . 7.18 -0.57 5.53
C9 C4H H . 7.22 -0.53 5.55
C10 C4H H . 7.15 0.86 5.42
C10 C4H H . 7.16 0.90 5.42
C11 C4H H . 8.35 1.60 4.94
C11 C4H H . 8.33 1.68 4.92
C12 C4H H . 8.30 3.03 4.83
C12 C4H H . 8.23 3.11 4.81
C13 C4H H . 7.12 3.73 5.19
C13 C4H H . 7.03 3.76 5.16
S14 C4H H . 9.80 0.75 4.52
S14 C4H H . 9.84 0.94 4.50
N15 C4H H . 10.26 -0.11 5.67
N15 C4H H . 10.74 0.99 5.69
C16 C4H H . 10.40 0.50 7.02
C16 C4H H . 10.74 -0.13 6.65
C17 C4H H . 11.82 1.05 7.26
C17 C4H H . 12.05 -0.08 7.51
C18 C4H H . 12.93 0.00 7.18
C18 C4H H . 13.36 -0.21 6.68
C19 C4H H . 14.25 0.74 7.44
C19 C4H H . 14.56 -0.15 7.64
N20 C4H H . 15.40 -0.07 7.02
N20 C4H H . 15.80 0.28 6.94
C21 C4H H . 16.58 0.56 6.46
C21 C4H H . 16.88 -0.69 6.64
O22 C4H H . 16.75 1.80 6.30
O22 C4H H . 16.82 -1.90 6.94
C23 C4H H . 17.59 -0.49 6.11
C23 C4H H . 18.04 -0.04 5.94
C24 C4H H . 18.23 -0.26 4.80
C24 C4H H . 17.67 0.64 4.66
S25 C4H H . 17.13 -0.30 3.38
S25 C4H H . 17.09 -0.42 3.32
O26 C4H H . 10.90 1.71 4.19
O26 C4H H . 10.51 1.73 3.42
O27 C4H H . 9.52 -0.11 3.34
O27 C4H H . 9.64 -0.47 4.01
#